data_2OFC
#
_entry.id   2OFC
#
_cell.length_a   99.811
_cell.length_b   99.811
_cell.length_c   63.991
_cell.angle_alpha   90.00
_cell.angle_beta   90.00
_cell.angle_gamma   90.00
#
_symmetry.space_group_name_H-M   'P 42 21 2'
#
loop_
_entity.id
_entity.type
_entity.pdbx_description
1 polymer 'Sclerotium rolfsii lectin'
2 non-polymer 2-AMINO-2-HYDROXYMETHYL-PROPANE-1,3-DIOL
3 non-polymer (4S)-2-METHYL-2,4-PENTANEDIOL
4 non-polymer 'ACETATE ION'
5 water water
#
_entity_poly.entity_id   1
_entity_poly.type   'polypeptide(L)'
_entity_poly.pdbx_seq_one_letter_code
;(ACE)TYKITVRVYQTNPNAFFHPVEKTVWKYANGGTWTITDDQHVLTMGGSGTSGTLRFHADNGESFTATFGVHNYKRW
CDIVTNLAADETGMVINQQYYSQKNREEARERQLSNYEVKNAKGRNFEIVYTEAEGNDLHANLIIG
;
_entity_poly.pdbx_strand_id   A,B
#
loop_
_chem_comp.id
_chem_comp.type
_chem_comp.name
_chem_comp.formula
ACE non-polymer 'ACETYL GROUP' 'C2 H4 O'
ACT non-polymer 'ACETATE ION' 'C2 H3 O2 -1'
MPD non-polymer (4S)-2-METHYL-2,4-PENTANEDIOL 'C6 H14 O2'
TRS non-polymer 2-AMINO-2-HYDROXYMETHYL-PROPANE-1,3-DIOL 'C4 H12 N O3 1'
#
# COMPACT_ATOMS: atom_id res chain seq x y z
C ACE A 1 -6.71 -1.93 -20.69
O ACE A 1 -5.53 -2.16 -20.51
CH3 ACE A 1 -7.26 -1.64 -22.06
N THR A 2 -7.60 -1.99 -19.72
CA THR A 2 -7.19 -2.30 -18.34
C THR A 2 -6.77 -3.76 -18.19
N TYR A 3 -5.96 -4.01 -17.17
CA TYR A 3 -5.52 -5.34 -16.80
C TYR A 3 -5.88 -5.59 -15.34
N LYS A 4 -6.25 -6.84 -15.03
CA LYS A 4 -6.56 -7.25 -13.67
C LYS A 4 -5.71 -8.46 -13.33
N ILE A 5 -5.18 -8.47 -12.11
CA ILE A 5 -4.46 -9.63 -11.57
C ILE A 5 -5.08 -10.00 -10.23
N THR A 6 -5.62 -11.22 -10.14
CA THR A 6 -6.29 -11.72 -8.95
C THR A 6 -5.36 -12.72 -8.26
N VAL A 7 -5.01 -12.44 -7.00
CA VAL A 7 -4.01 -13.22 -6.27
C VAL A 7 -4.63 -13.99 -5.11
N ARG A 8 -4.38 -15.29 -5.11
CA ARG A 8 -4.76 -16.21 -4.03
C ARG A 8 -3.51 -16.60 -3.25
N VAL A 9 -3.55 -16.45 -1.92
CA VAL A 9 -2.40 -16.77 -1.08
C VAL A 9 -2.60 -18.12 -0.39
N TYR A 10 -1.64 -19.00 -0.60
CA TYR A 10 -1.61 -20.33 -0.02
C TYR A 10 -0.48 -20.36 1.00
N GLN A 11 -0.78 -20.66 2.24
CA GLN A 11 0.24 -20.86 3.29
C GLN A 11 0.25 -22.31 3.66
N THR A 12 1.42 -22.93 3.55
CA THR A 12 1.54 -24.36 3.65
C THR A 12 2.28 -24.85 4.90
N ASN A 13 2.91 -23.94 5.65
CA ASN A 13 3.84 -24.32 6.73
C ASN A 13 3.39 -23.70 8.06
N PRO A 14 2.94 -24.53 9.02
CA PRO A 14 2.43 -23.99 10.29
C PRO A 14 3.51 -23.40 11.19
N ASN A 15 4.79 -23.46 10.81
CA ASN A 15 5.80 -22.84 11.65
C ASN A 15 5.82 -21.31 11.54
N ALA A 16 4.95 -20.73 10.71
CA ALA A 16 4.84 -19.28 10.61
C ALA A 16 3.45 -18.93 10.14
N PHE A 17 3.07 -17.67 10.31
CA PHE A 17 1.82 -17.16 9.72
C PHE A 17 2.12 -15.77 9.18
N PHE A 18 2.01 -15.62 7.87
CA PHE A 18 2.22 -14.36 7.20
C PHE A 18 0.89 -13.63 6.99
N HIS A 19 0.93 -12.32 7.00
CA HIS A 19 -0.24 -11.53 6.64
C HIS A 19 0.24 -10.26 5.94
N PRO A 20 -0.63 -9.70 5.10
CA PRO A 20 -0.25 -8.55 4.32
C PRO A 20 -0.20 -7.31 5.19
N VAL A 21 0.84 -6.51 4.99
CA VAL A 21 1.05 -5.30 5.76
C VAL A 21 1.20 -4.04 4.91
N GLU A 22 1.15 -4.16 3.58
CA GLU A 22 1.30 -3.02 2.71
C GLU A 22 0.85 -3.45 1.33
N LYS A 23 0.20 -2.54 0.59
CA LYS A 23 -0.21 -2.82 -0.78
C LYS A 23 -0.07 -1.54 -1.58
N THR A 24 0.81 -1.54 -2.57
CA THR A 24 1.18 -0.32 -3.29
C THR A 24 0.83 -0.45 -4.77
N VAL A 25 0.67 0.68 -5.44
CA VAL A 25 0.41 0.72 -6.86
C VAL A 25 1.32 1.73 -7.53
N TRP A 26 2.07 1.28 -8.53
CA TRP A 26 2.97 2.15 -9.25
C TRP A 26 2.19 3.08 -10.20
N LYS A 27 2.82 4.22 -10.49
CA LYS A 27 2.16 5.39 -11.07
C LYS A 27 1.97 5.36 -12.58
N TYR A 28 2.65 4.48 -13.29
CA TYR A 28 2.51 4.39 -14.74
C TYR A 28 1.14 3.86 -15.14
N ALA A 29 0.82 4.02 -16.42
CA ALA A 29 -0.38 3.42 -17.03
C ALA A 29 -1.65 3.79 -16.31
N ASN A 30 -1.72 5.05 -15.86
CA ASN A 30 -2.87 5.55 -15.14
C ASN A 30 -3.10 4.85 -13.79
N GLY A 31 -2.05 4.26 -13.23
CA GLY A 31 -2.14 3.71 -11.89
C GLY A 31 -3.08 2.54 -11.81
N GLY A 32 -3.84 2.46 -10.73
CA GLY A 32 -4.61 1.27 -10.47
C GLY A 32 -5.05 1.22 -9.03
N THR A 33 -5.55 0.07 -8.61
CA THR A 33 -6.20 -0.06 -7.32
C THR A 33 -6.02 -1.53 -6.83
N TRP A 34 -5.76 -1.73 -5.53
CA TRP A 34 -5.88 -3.04 -4.90
C TRP A 34 -7.20 -3.12 -4.17
N THR A 35 -7.92 -4.23 -4.32
CA THR A 35 -9.11 -4.49 -3.51
C THR A 35 -9.09 -5.94 -3.09
N ILE A 36 -10.09 -6.32 -2.31
CA ILE A 36 -10.25 -7.68 -1.85
C ILE A 36 -11.63 -8.15 -2.21
N THR A 37 -11.67 -9.34 -2.80
CA THR A 37 -12.92 -10.01 -3.08
C THR A 37 -12.76 -11.48 -2.76
N ASP A 38 -13.65 -12.03 -1.94
CA ASP A 38 -13.60 -13.46 -1.58
C ASP A 38 -12.19 -13.86 -1.05
N ASP A 39 -11.58 -13.01 -0.24
CA ASP A 39 -10.26 -13.22 0.38
C ASP A 39 -9.10 -13.19 -0.65
N GLN A 40 -9.39 -12.77 -1.89
CA GLN A 40 -8.37 -12.66 -2.93
C GLN A 40 -7.97 -11.20 -3.08
N HIS A 41 -6.68 -10.96 -3.32
CA HIS A 41 -6.17 -9.62 -3.55
C HIS A 41 -6.24 -9.33 -5.04
N VAL A 42 -6.99 -8.31 -5.43
CA VAL A 42 -7.24 -8.02 -6.82
C VAL A 42 -6.62 -6.66 -7.16
N LEU A 43 -5.69 -6.69 -8.11
CA LEU A 43 -5.02 -5.50 -8.61
C LEU A 43 -5.62 -5.16 -9.97
N THR A 44 -6.21 -3.98 -10.10
CA THR A 44 -6.68 -3.47 -11.38
C THR A 44 -5.76 -2.34 -11.77
N MET A 45 -5.31 -2.36 -13.02
CA MET A 45 -4.38 -1.37 -13.56
C MET A 45 -4.98 -0.71 -14.77
N GLY A 46 -4.65 0.56 -14.98
CA GLY A 46 -5.26 1.32 -16.06
C GLY A 46 -4.87 0.88 -17.44
N GLY A 47 -3.77 0.16 -17.58
CA GLY A 47 -3.29 -0.33 -18.86
C GLY A 47 -2.07 -1.17 -18.60
N SER A 48 -1.43 -1.64 -19.66
CA SER A 48 -0.14 -2.28 -19.54
C SER A 48 0.92 -1.26 -19.14
N GLY A 49 1.88 -1.70 -18.34
CA GLY A 49 3.06 -0.92 -18.02
C GLY A 49 3.19 -0.49 -16.58
N THR A 50 2.38 -1.04 -15.68
CA THR A 50 2.51 -0.75 -14.29
C THR A 50 2.42 -2.06 -13.47
N SER A 51 2.30 -1.92 -12.16
CA SER A 51 2.41 -3.04 -11.25
C SER A 51 1.95 -2.61 -9.86
N GLY A 52 1.87 -3.59 -8.98
CA GLY A 52 1.61 -3.35 -7.57
C GLY A 52 2.31 -4.38 -6.72
N THR A 53 2.66 -3.98 -5.51
CA THR A 53 3.41 -4.80 -4.57
C THR A 53 2.58 -5.10 -3.33
N LEU A 54 2.59 -6.36 -2.91
CA LEU A 54 2.10 -6.79 -1.62
C LEU A 54 3.30 -7.11 -0.74
N ARG A 55 3.35 -6.55 0.46
CA ARG A 55 4.36 -6.94 1.44
C ARG A 55 3.68 -7.75 2.54
N PHE A 56 4.33 -8.84 2.91
CA PHE A 56 3.86 -9.74 3.94
C PHE A 56 4.89 -9.82 5.05
N HIS A 57 4.39 -9.99 6.27
CA HIS A 57 5.20 -10.09 7.46
C HIS A 57 4.68 -11.28 8.29
N ALA A 58 5.59 -12.00 8.94
CA ALA A 58 5.22 -13.06 9.89
C ALA A 58 5.64 -12.62 11.28
N ASP A 59 4.99 -13.09 12.33
CA ASP A 59 5.33 -12.60 13.67
C ASP A 59 6.70 -13.14 14.14
N ASN A 60 7.27 -14.10 13.41
CA ASN A 60 8.64 -14.56 13.68
C ASN A 60 9.70 -13.67 13.02
N GLY A 61 9.27 -12.60 12.35
CA GLY A 61 10.21 -11.63 11.77
C GLY A 61 10.43 -11.74 10.27
N GLU A 62 10.09 -12.87 9.68
CA GLU A 62 10.29 -13.03 8.26
C GLU A 62 9.37 -12.11 7.48
N SER A 63 9.83 -11.63 6.33
CA SER A 63 8.99 -10.81 5.48
C SER A 63 9.46 -10.87 4.03
N PHE A 64 8.56 -10.53 3.12
CA PHE A 64 8.88 -10.55 1.71
C PHE A 64 7.88 -9.68 0.97
N THR A 65 8.25 -9.33 -0.25
CA THR A 65 7.33 -8.69 -1.17
C THR A 65 7.03 -9.61 -2.36
N ALA A 66 5.79 -9.51 -2.83
CA ALA A 66 5.34 -10.14 -4.06
C ALA A 66 4.79 -9.03 -4.95
N THR A 67 5.38 -8.87 -6.13
CA THR A 67 5.01 -7.82 -7.07
C THR A 67 4.49 -8.46 -8.34
N PHE A 68 3.41 -7.88 -8.85
CA PHE A 68 2.66 -8.37 -9.99
C PHE A 68 2.43 -7.21 -10.94
N GLY A 69 2.59 -7.42 -12.24
CA GLY A 69 2.31 -6.35 -13.17
C GLY A 69 2.23 -6.84 -14.60
N VAL A 70 2.17 -5.89 -15.52
CA VAL A 70 2.08 -6.19 -16.95
C VAL A 70 3.08 -5.29 -17.65
N HIS A 71 3.91 -5.90 -18.51
CA HIS A 71 4.96 -5.21 -19.23
C HIS A 71 4.81 -5.56 -20.69
N ASN A 72 4.59 -4.57 -21.55
CA ASN A 72 4.31 -4.84 -22.97
C ASN A 72 3.30 -5.98 -23.14
N TYR A 73 2.20 -5.84 -22.39
CA TYR A 73 1.02 -6.69 -22.53
C TYR A 73 1.16 -8.11 -21.97
N LYS A 74 2.30 -8.41 -21.35
CA LYS A 74 2.57 -9.74 -20.80
C LYS A 74 2.75 -9.62 -19.30
N ARG A 75 2.24 -10.59 -18.56
CA ARG A 75 2.37 -10.53 -17.12
C ARG A 75 3.80 -10.70 -16.67
N TRP A 76 4.08 -10.16 -15.49
CA TRP A 76 5.35 -10.38 -14.84
C TRP A 76 5.14 -10.52 -13.34
N CYS A 77 6.15 -11.04 -12.66
CA CYS A 77 6.12 -11.14 -11.22
C CYS A 77 7.54 -11.23 -10.68
N ASP A 78 7.68 -10.93 -9.39
CA ASP A 78 8.95 -11.05 -8.71
C ASP A 78 8.72 -11.07 -7.21
N ILE A 79 9.62 -11.74 -6.49
CA ILE A 79 9.60 -11.84 -5.05
C ILE A 79 10.94 -11.34 -4.52
N VAL A 80 10.89 -10.52 -3.47
CA VAL A 80 12.09 -10.08 -2.77
C VAL A 80 11.95 -10.52 -1.30
N THR A 81 12.98 -11.19 -0.79
CA THR A 81 12.96 -11.68 0.57
C THR A 81 14.03 -10.98 1.39
N ASN A 82 14.14 -11.38 2.66
CA ASN A 82 15.16 -10.85 3.56
C ASN A 82 15.08 -9.34 3.67
N LEU A 83 13.87 -8.78 3.76
CA LEU A 83 13.71 -7.32 3.71
C LEU A 83 14.29 -6.67 4.95
N ALA A 84 15.07 -5.62 4.74
CA ALA A 84 15.46 -4.72 5.84
C ALA A 84 14.25 -3.86 6.23
N ALA A 85 14.32 -3.26 7.41
CA ALA A 85 13.22 -2.45 7.91
C ALA A 85 12.94 -1.24 7.02
N ASP A 86 13.95 -0.75 6.31
CA ASP A 86 13.79 0.38 5.40
C ASP A 86 13.45 -0.02 3.96
N GLU A 87 13.22 -1.31 3.73
CA GLU A 87 12.74 -1.80 2.44
C GLU A 87 11.25 -2.08 2.56
N THR A 88 10.47 -1.01 2.62
CA THR A 88 9.03 -1.16 2.65
C THR A 88 8.54 -1.47 1.22
N GLY A 89 7.28 -1.84 1.13
CA GLY A 89 6.70 -2.19 -0.15
C GLY A 89 6.81 -1.07 -1.17
N MET A 90 6.58 0.16 -0.74
CA MET A 90 6.64 1.27 -1.68
C MET A 90 8.07 1.49 -2.18
N VAL A 91 9.07 1.20 -1.35
CA VAL A 91 10.46 1.26 -1.80
C VAL A 91 10.71 0.20 -2.90
N ILE A 92 10.33 -1.03 -2.61
CA ILE A 92 10.55 -2.11 -3.55
C ILE A 92 9.79 -1.88 -4.86
N ASN A 93 8.53 -1.43 -4.79
CA ASN A 93 7.74 -1.32 -6.02
C ASN A 93 8.40 -0.36 -7.01
N GLN A 94 8.92 0.76 -6.51
CA GLN A 94 9.55 1.75 -7.38
C GLN A 94 10.85 1.24 -8.00
N GLN A 95 11.54 0.32 -7.31
CA GLN A 95 12.80 -0.18 -7.80
C GLN A 95 12.68 -0.94 -9.12
N TYR A 96 11.51 -1.47 -9.44
CA TYR A 96 11.29 -2.14 -10.73
C TYR A 96 11.37 -1.21 -11.92
N TYR A 97 11.46 0.10 -11.69
CA TYR A 97 11.52 1.09 -12.76
C TYR A 97 12.78 1.95 -12.65
N SER A 98 13.72 1.51 -11.82
CA SER A 98 14.94 2.26 -11.56
C SER A 98 16.20 1.39 -11.40
N GLN A 99 16.09 0.27 -10.69
CA GLN A 99 17.22 -0.56 -10.28
C GLN A 99 17.38 -1.72 -11.25
N LYS A 100 18.57 -1.84 -11.84
CA LYS A 100 18.80 -2.76 -12.95
C LYS A 100 18.29 -4.19 -12.73
N ASN A 101 18.65 -4.81 -11.61
CA ASN A 101 18.26 -6.20 -11.41
C ASN A 101 16.74 -6.36 -11.30
N ARG A 102 16.08 -5.38 -10.71
CA ARG A 102 14.62 -5.40 -10.60
C ARG A 102 13.97 -5.14 -11.96
N GLU A 103 14.53 -4.18 -12.71
CA GLU A 103 14.04 -3.92 -14.06
C GLU A 103 14.13 -5.18 -14.91
N GLU A 104 15.27 -5.86 -14.82
CA GLU A 104 15.46 -7.08 -15.59
C GLU A 104 14.46 -8.17 -15.21
N ALA A 105 14.12 -8.27 -13.92
CA ALA A 105 13.14 -9.24 -13.47
C ALA A 105 11.78 -8.93 -14.10
N ARG A 106 11.37 -7.66 -14.08
CA ARG A 106 10.15 -7.27 -14.75
C ARG A 106 10.18 -7.62 -16.25
N GLU A 107 11.30 -7.32 -16.89
CA GLU A 107 11.41 -7.55 -18.32
C GLU A 107 11.36 -9.02 -18.71
N ARG A 108 11.67 -9.94 -17.78
CA ARG A 108 11.52 -11.36 -18.04
C ARG A 108 10.09 -11.79 -18.27
N GLN A 109 9.11 -11.00 -17.82
CA GLN A 109 7.72 -11.31 -18.11
C GLN A 109 7.38 -12.74 -17.67
N LEU A 110 7.70 -13.08 -16.44
CA LEU A 110 7.51 -14.44 -15.96
C LEU A 110 6.08 -14.76 -15.58
N SER A 111 5.63 -15.94 -16.01
CA SER A 111 4.38 -16.53 -15.54
C SER A 111 4.55 -17.25 -14.21
N ASN A 112 5.78 -17.44 -13.77
CA ASN A 112 6.03 -18.14 -12.52
C ASN A 112 7.44 -17.81 -12.07
N TYR A 113 7.63 -17.70 -10.77
CA TYR A 113 8.92 -17.37 -10.18
C TYR A 113 8.96 -17.91 -8.77
N GLU A 114 10.10 -18.42 -8.34
CA GLU A 114 10.26 -18.79 -6.93
C GLU A 114 11.65 -18.44 -6.47
N VAL A 115 11.76 -18.27 -5.15
CA VAL A 115 13.01 -17.96 -4.51
C VAL A 115 12.91 -18.37 -3.06
N LYS A 116 14.06 -18.67 -2.44
CA LYS A 116 14.10 -18.96 -1.00
C LYS A 116 14.73 -17.81 -0.24
N ASN A 117 14.28 -17.59 1.00
CA ASN A 117 14.93 -16.63 1.87
C ASN A 117 16.13 -17.26 2.59
N ALA A 118 16.82 -16.46 3.39
CA ALA A 118 18.05 -16.90 4.06
C ALA A 118 17.81 -18.03 5.06
N LYS A 119 16.60 -18.12 5.58
CA LYS A 119 16.22 -19.20 6.49
C LYS A 119 15.80 -20.46 5.74
N GLY A 120 15.75 -20.39 4.41
CA GLY A 120 15.44 -21.54 3.58
C GLY A 120 13.98 -21.73 3.20
N ARG A 121 13.12 -20.77 3.54
CA ARG A 121 11.71 -20.87 3.19
C ARG A 121 11.53 -20.51 1.71
N ASN A 122 10.74 -21.32 1.01
CA ASN A 122 10.43 -21.08 -0.40
C ASN A 122 9.20 -20.18 -0.52
N PHE A 123 9.21 -19.35 -1.57
CA PHE A 123 8.07 -18.52 -1.96
C PHE A 123 7.92 -18.64 -3.47
N GLU A 124 6.70 -18.86 -3.95
CA GLU A 124 6.48 -19.01 -5.39
C GLU A 124 5.24 -18.26 -5.83
N ILE A 125 5.32 -17.66 -7.01
CA ILE A 125 4.15 -17.16 -7.72
C ILE A 125 3.94 -18.03 -8.97
N VAL A 126 2.69 -18.46 -9.19
CA VAL A 126 2.32 -19.17 -10.41
C VAL A 126 1.05 -18.55 -10.97
N TYR A 127 1.10 -18.02 -12.19
CA TYR A 127 -0.12 -17.56 -12.85
C TYR A 127 -0.87 -18.77 -13.42
N THR A 128 -2.06 -19.02 -12.89
CA THR A 128 -2.94 -20.08 -13.37
C THR A 128 -3.86 -19.61 -14.51
N GLU A 129 -3.99 -18.29 -14.67
CA GLU A 129 -4.60 -17.71 -15.86
C GLU A 129 -3.55 -16.67 -16.27
N ALA A 130 -2.78 -17.04 -17.29
CA ALA A 130 -1.49 -16.45 -17.58
C ALA A 130 -1.43 -15.63 -18.87
N GLU A 131 -2.57 -15.45 -19.53
CA GLU A 131 -2.61 -14.68 -20.76
C GLU A 131 -3.86 -13.80 -20.76
N GLY A 132 -3.80 -12.74 -21.56
CA GLY A 132 -4.92 -11.83 -21.68
C GLY A 132 -4.98 -10.82 -20.55
N ASN A 133 -6.16 -10.19 -20.42
CA ASN A 133 -6.30 -9.06 -19.52
C ASN A 133 -6.90 -9.41 -18.17
N ASP A 134 -7.29 -10.67 -17.96
CA ASP A 134 -7.87 -11.12 -16.71
C ASP A 134 -6.98 -12.25 -16.19
N LEU A 135 -5.98 -11.86 -15.42
CA LEU A 135 -4.90 -12.73 -15.01
C LEU A 135 -5.11 -13.19 -13.58
N HIS A 136 -4.69 -14.42 -13.28
CA HIS A 136 -4.90 -15.00 -11.95
C HIS A 136 -3.62 -15.69 -11.53
N ALA A 137 -3.18 -15.45 -10.29
CA ALA A 137 -1.97 -16.02 -9.77
C ALA A 137 -2.16 -16.56 -8.36
N ASN A 138 -1.44 -17.65 -8.09
CA ASN A 138 -1.25 -18.17 -6.75
C ASN A 138 0.07 -17.67 -6.19
N LEU A 139 0.05 -17.26 -4.93
CA LEU A 139 1.25 -16.97 -4.15
C LEU A 139 1.33 -18.06 -3.11
N ILE A 140 2.35 -18.92 -3.21
CA ILE A 140 2.45 -20.11 -2.38
C ILE A 140 3.65 -19.95 -1.45
N ILE A 141 3.37 -19.93 -0.16
CA ILE A 141 4.38 -19.74 0.86
C ILE A 141 4.74 -21.13 1.43
N GLY A 142 6.03 -21.43 1.46
CA GLY A 142 6.56 -22.67 2.01
C GLY A 142 6.87 -22.61 3.49
C ACE B 1 8.56 3.34 19.97
O ACE B 1 8.55 4.37 19.30
CH3 ACE B 1 9.38 3.21 21.23
N THR B 2 7.85 2.28 19.65
CA THR B 2 7.02 2.33 18.47
C THR B 2 5.81 3.25 18.70
N TYR B 3 5.20 3.65 17.59
CA TYR B 3 3.96 4.42 17.59
C TYR B 3 2.91 3.65 16.81
N LYS B 4 1.66 3.71 17.30
CA LYS B 4 0.53 3.10 16.64
C LYS B 4 -0.53 4.16 16.39
N ILE B 5 -1.16 4.10 15.22
CA ILE B 5 -2.28 4.94 14.88
C ILE B 5 -3.41 4.03 14.41
N THR B 6 -4.54 4.11 15.11
CA THR B 6 -5.72 3.31 14.79
C THR B 6 -6.78 4.22 14.17
N VAL B 7 -7.20 3.88 12.95
CA VAL B 7 -8.09 4.72 12.15
C VAL B 7 -9.45 4.04 11.95
N ARG B 8 -10.50 4.78 12.31
CA ARG B 8 -11.88 4.40 12.07
C ARG B 8 -12.45 5.26 10.96
N VAL B 9 -13.04 4.63 9.95
CA VAL B 9 -13.58 5.34 8.80
C VAL B 9 -15.10 5.46 8.91
N TYR B 10 -15.58 6.70 8.89
CA TYR B 10 -16.99 7.03 8.92
C TYR B 10 -17.39 7.57 7.56
N GLN B 11 -18.31 6.90 6.89
CA GLN B 11 -18.90 7.40 5.65
C GLN B 11 -20.28 7.87 5.94
N THR B 12 -20.50 9.13 5.70
CA THR B 12 -21.71 9.78 6.17
C THR B 12 -22.70 10.11 5.06
N ASN B 13 -22.29 9.95 3.79
CA ASN B 13 -23.07 10.43 2.66
C ASN B 13 -23.37 9.30 1.68
N PRO B 14 -24.62 8.81 1.68
CA PRO B 14 -24.97 7.74 0.75
C PRO B 14 -24.90 8.04 -0.74
N ASN B 15 -24.54 9.26 -1.15
CA ASN B 15 -24.39 9.51 -2.58
C ASN B 15 -23.08 9.01 -3.19
N ALA B 16 -22.23 8.38 -2.38
CA ALA B 16 -21.02 7.73 -2.86
C ALA B 16 -20.62 6.63 -1.89
N PHE B 17 -19.73 5.75 -2.33
CA PHE B 17 -19.15 4.75 -1.42
C PHE B 17 -17.67 4.63 -1.74
N PHE B 18 -16.82 4.95 -0.76
CA PHE B 18 -15.38 4.87 -0.90
C PHE B 18 -14.86 3.58 -0.26
N HIS B 19 -13.77 3.08 -0.79
CA HIS B 19 -13.10 1.94 -0.16
C HIS B 19 -11.59 2.11 -0.40
N PRO B 20 -10.79 1.52 0.49
CA PRO B 20 -9.35 1.65 0.40
C PRO B 20 -8.79 0.85 -0.75
N VAL B 21 -7.89 1.47 -1.52
CA VAL B 21 -7.30 0.84 -2.68
C VAL B 21 -5.77 0.77 -2.63
N GLU B 22 -5.17 1.30 -1.56
CA GLU B 22 -3.72 1.30 -1.44
C GLU B 22 -3.39 1.64 0.00
N LYS B 23 -2.35 1.00 0.55
CA LYS B 23 -1.91 1.28 1.90
C LYS B 23 -0.38 1.19 1.93
N THR B 24 0.30 2.32 2.12
CA THR B 24 1.74 2.40 1.97
C THR B 24 2.39 2.75 3.29
N VAL B 25 3.68 2.42 3.43
CA VAL B 25 4.45 2.75 4.62
C VAL B 25 5.79 3.33 4.21
N TRP B 26 6.10 4.52 4.70
CA TRP B 26 7.37 5.15 4.38
C TRP B 26 8.52 4.50 5.17
N LYS B 27 9.72 4.63 4.60
CA LYS B 27 10.87 3.83 4.99
C LYS B 27 11.64 4.29 6.23
N TYR B 28 11.43 5.51 6.69
CA TYR B 28 12.13 6.02 7.86
C TYR B 28 11.68 5.33 9.13
N ALA B 29 12.48 5.51 10.19
CA ALA B 29 12.12 5.04 11.53
C ALA B 29 11.82 3.54 11.59
N ASN B 30 12.59 2.77 10.83
CA ASN B 30 12.42 1.32 10.73
C ASN B 30 11.09 0.91 10.12
N GLY B 31 10.48 1.78 9.33
CA GLY B 31 9.28 1.42 8.63
C GLY B 31 8.11 1.14 9.55
N GLY B 32 7.32 0.13 9.17
CA GLY B 32 6.08 -0.14 9.86
C GLY B 32 5.19 -1.04 9.06
N THR B 33 3.94 -1.11 9.46
CA THR B 33 3.02 -2.10 8.91
C THR B 33 1.58 -1.52 9.03
N TRP B 34 0.74 -1.78 8.03
CA TRP B 34 -0.71 -1.60 8.14
C TRP B 34 -1.39 -2.94 8.35
N THR B 35 -2.31 -3.01 9.30
CA THR B 35 -3.15 -4.20 9.46
C THR B 35 -4.58 -3.74 9.72
N ILE B 36 -5.46 -4.72 9.86
CA ILE B 36 -6.86 -4.47 10.15
C ILE B 36 -7.26 -5.27 11.37
N THR B 37 -7.88 -4.59 12.31
CA THR B 37 -8.50 -5.23 13.47
C THR B 37 -9.88 -4.63 13.69
N ASP B 38 -10.90 -5.47 13.75
CA ASP B 38 -12.27 -5.00 14.01
C ASP B 38 -12.68 -3.86 13.03
N ASP B 39 -12.35 -4.02 11.75
CA ASP B 39 -12.66 -3.06 10.67
C ASP B 39 -11.88 -1.74 10.78
N GLN B 40 -10.92 -1.65 11.71
CA GLN B 40 -10.10 -0.46 11.86
C GLN B 40 -8.75 -0.67 11.18
N HIS B 41 -8.24 0.39 10.55
CA HIS B 41 -6.92 0.36 9.93
C HIS B 41 -5.90 0.78 10.96
N VAL B 42 -4.93 -0.10 11.22
CA VAL B 42 -3.95 0.13 12.27
C VAL B 42 -2.56 0.23 11.64
N LEU B 43 -1.92 1.37 11.84
CA LEU B 43 -0.57 1.61 11.38
C LEU B 43 0.37 1.54 12.57
N THR B 44 1.37 0.66 12.51
CA THR B 44 2.40 0.61 13.53
C THR B 44 3.70 1.05 12.85
N MET B 45 4.46 1.90 13.54
CA MET B 45 5.69 2.47 13.02
C MET B 45 6.80 2.25 14.03
N GLY B 46 8.02 2.08 13.55
CA GLY B 46 9.13 1.76 14.42
C GLY B 46 9.59 2.85 15.36
N GLY B 47 9.20 4.09 15.11
CA GLY B 47 9.58 5.23 15.92
C GLY B 47 9.01 6.47 15.29
N SER B 48 9.34 7.63 15.83
CA SER B 48 8.94 8.90 15.23
C SER B 48 9.69 9.14 13.93
N GLY B 49 8.99 9.76 12.98
CA GLY B 49 9.60 10.23 11.76
C GLY B 49 9.18 9.55 10.48
N THR B 50 8.15 8.70 10.55
CA THR B 50 7.62 8.08 9.36
C THR B 50 6.10 8.22 9.34
N SER B 51 5.46 7.51 8.42
CA SER B 51 4.04 7.69 8.14
C SER B 51 3.57 6.59 7.22
N GLY B 52 2.27 6.55 7.02
CA GLY B 52 1.66 5.68 6.03
C GLY B 52 0.46 6.34 5.42
N THR B 53 0.18 6.00 4.17
CA THR B 53 -0.90 6.59 3.40
C THR B 53 -1.95 5.55 3.05
N LEU B 54 -3.21 5.91 3.27
CA LEU B 54 -4.34 5.18 2.74
C LEU B 54 -4.92 5.96 1.58
N ARG B 55 -5.07 5.30 0.43
CA ARG B 55 -5.78 5.91 -0.70
C ARG B 55 -7.15 5.27 -0.81
N PHE B 56 -8.16 6.10 -1.00
CA PHE B 56 -9.55 5.66 -1.14
C PHE B 56 -10.07 6.09 -2.49
N HIS B 57 -10.95 5.27 -3.05
CA HIS B 57 -11.57 5.50 -4.34
C HIS B 57 -13.06 5.19 -4.22
N ALA B 58 -13.88 5.97 -4.94
CA ALA B 58 -15.32 5.72 -5.03
C ALA B 58 -15.64 5.34 -6.47
N ASP B 59 -16.67 4.53 -6.70
CA ASP B 59 -16.97 4.10 -8.07
C ASP B 59 -17.45 5.23 -8.99
N ASN B 60 -17.75 6.40 -8.42
CA ASN B 60 -18.03 7.59 -9.22
C ASN B 60 -16.78 8.35 -9.68
N GLY B 61 -15.60 7.84 -9.34
CA GLY B 61 -14.34 8.45 -9.78
C GLY B 61 -13.62 9.31 -8.76
N GLU B 62 -14.29 9.70 -7.69
CA GLU B 62 -13.65 10.51 -6.65
C GLU B 62 -12.59 9.68 -5.93
N SER B 63 -11.54 10.35 -5.47
CA SER B 63 -10.51 9.68 -4.71
C SER B 63 -9.73 10.67 -3.86
N PHE B 64 -9.05 10.15 -2.85
CA PHE B 64 -8.25 10.99 -1.99
C PHE B 64 -7.25 10.12 -1.26
N THR B 65 -6.21 10.75 -0.73
CA THR B 65 -5.31 10.11 0.23
C THR B 65 -5.48 10.71 1.62
N ALA B 66 -5.35 9.82 2.61
CA ALA B 66 -5.29 10.19 4.02
C ALA B 66 -3.98 9.63 4.55
N THR B 67 -3.09 10.51 4.99
CA THR B 67 -1.79 10.13 5.49
C THR B 67 -1.71 10.44 6.97
N PHE B 68 -1.13 9.50 7.71
CA PHE B 68 -1.03 9.53 9.17
C PHE B 68 0.41 9.23 9.54
N GLY B 69 0.98 9.96 10.49
CA GLY B 69 2.31 9.64 10.93
C GLY B 69 2.67 10.36 12.20
N VAL B 70 3.94 10.30 12.54
CA VAL B 70 4.47 10.95 13.73
C VAL B 70 5.70 11.75 13.30
N HIS B 71 5.69 13.04 13.64
CA HIS B 71 6.77 13.96 13.34
C HIS B 71 7.23 14.58 14.63
N ASN B 72 8.50 14.41 14.98
CA ASN B 72 9.01 15.01 16.22
C ASN B 72 8.12 14.65 17.39
N TYR B 73 7.76 13.36 17.47
CA TYR B 73 7.07 12.76 18.61
C TYR B 73 5.62 13.15 18.74
N LYS B 74 5.06 13.89 17.76
CA LYS B 74 3.66 14.29 17.76
C LYS B 74 3.00 13.78 16.49
N ARG B 75 1.72 13.45 16.58
CA ARG B 75 1.03 12.98 15.39
C ARG B 75 0.94 14.07 14.34
N TRP B 76 0.79 13.62 13.10
CA TRP B 76 0.44 14.50 12.01
C TRP B 76 -0.54 13.79 11.08
N CYS B 77 -1.18 14.57 10.24
CA CYS B 77 -2.04 14.03 9.19
C CYS B 77 -2.17 15.03 8.06
N ASP B 78 -2.62 14.53 6.92
CA ASP B 78 -2.90 15.38 5.77
C ASP B 78 -3.80 14.61 4.80
N ILE B 79 -4.60 15.36 4.05
CA ILE B 79 -5.51 14.80 3.05
C ILE B 79 -5.21 15.49 1.73
N VAL B 80 -5.05 14.70 0.66
CA VAL B 80 -4.90 15.23 -0.69
C VAL B 80 -6.07 14.71 -1.52
N THR B 81 -6.75 15.62 -2.19
CA THR B 81 -7.92 15.28 -3.00
C THR B 81 -7.63 15.58 -4.48
N ASN B 82 -8.63 15.32 -5.31
CA ASN B 82 -8.54 15.57 -6.74
C ASN B 82 -7.35 14.84 -7.37
N LEU B 83 -7.10 13.61 -6.97
CA LEU B 83 -5.91 12.90 -7.43
C LEU B 83 -5.95 12.61 -8.92
N ALA B 84 -4.84 12.92 -9.59
CA ALA B 84 -4.62 12.46 -10.94
C ALA B 84 -4.34 10.95 -10.94
N ALA B 85 -4.50 10.29 -12.08
CA ALA B 85 -4.30 8.85 -12.15
C ALA B 85 -2.85 8.44 -11.84
N ASP B 86 -1.90 9.35 -12.05
CA ASP B 86 -0.48 9.06 -11.70
C ASP B 86 -0.07 9.47 -10.28
N GLU B 87 -1.01 9.98 -9.49
CA GLU B 87 -0.75 10.28 -8.10
C GLU B 87 -1.29 9.13 -7.26
N THR B 88 -0.58 8.01 -7.28
CA THR B 88 -0.95 6.90 -6.44
C THR B 88 -0.53 7.19 -4.99
N GLY B 89 -0.98 6.34 -4.08
CA GLY B 89 -0.66 6.51 -2.68
C GLY B 89 0.83 6.51 -2.41
N MET B 90 1.56 5.62 -3.07
CA MET B 90 3.00 5.58 -2.84
C MET B 90 3.68 6.86 -3.33
N VAL B 91 3.17 7.46 -4.41
CA VAL B 91 3.70 8.74 -4.87
C VAL B 91 3.49 9.82 -3.81
N ILE B 92 2.26 9.93 -3.34
CA ILE B 92 1.93 10.94 -2.35
C ILE B 92 2.73 10.73 -1.05
N ASN B 93 2.82 9.49 -0.58
CA ASN B 93 3.47 9.24 0.70
C ASN B 93 4.92 9.73 0.66
N GLN B 94 5.63 9.49 -0.45
CA GLN B 94 7.03 9.89 -0.56
C GLN B 94 7.19 11.40 -0.64
N GLN B 95 6.21 12.09 -1.23
CA GLN B 95 6.29 13.53 -1.38
C GLN B 95 6.42 14.26 -0.04
N TYR B 96 5.88 13.69 1.03
CA TYR B 96 6.00 14.30 2.35
C TYR B 96 7.44 14.40 2.83
N TYR B 97 8.39 13.75 2.16
CA TYR B 97 9.78 13.75 2.57
C TYR B 97 10.69 14.32 1.51
N SER B 98 10.10 14.98 0.51
CA SER B 98 10.85 15.55 -0.61
C SER B 98 10.32 16.88 -1.13
N GLN B 99 9.01 17.05 -1.16
CA GLN B 99 8.37 18.19 -1.78
C GLN B 99 8.02 19.19 -0.69
N LYS B 100 8.51 20.44 -0.79
CA LYS B 100 8.47 21.36 0.35
C LYS B 100 7.08 21.61 0.91
N ASN B 101 6.09 21.78 0.04
CA ASN B 101 4.74 22.05 0.55
C ASN B 101 4.20 20.87 1.37
N ARG B 102 4.52 19.65 0.95
CA ARG B 102 4.11 18.46 1.68
C ARG B 102 4.91 18.32 2.98
N GLU B 103 6.22 18.59 2.93
CA GLU B 103 7.03 18.57 4.15
C GLU B 103 6.42 19.52 5.18
N GLU B 104 6.04 20.73 4.73
CA GLU B 104 5.48 21.71 5.65
C GLU B 104 4.14 21.24 6.24
N ALA B 105 3.32 20.57 5.43
CA ALA B 105 2.07 20.03 5.94
C ALA B 105 2.31 19.00 7.04
N ARG B 106 3.29 18.12 6.82
CA ARG B 106 3.68 17.14 7.83
C ARG B 106 4.19 17.81 9.10
N GLU B 107 5.08 18.80 8.95
CA GLU B 107 5.74 19.37 10.11
C GLU B 107 4.79 20.21 10.95
N ARG B 108 3.63 20.57 10.43
CA ARG B 108 2.59 21.23 11.24
C ARG B 108 2.03 20.35 12.34
N GLN B 109 2.22 19.02 12.27
CA GLN B 109 1.81 18.13 13.36
C GLN B 109 0.33 18.29 13.67
N LEU B 110 -0.51 18.32 12.63
CA LEU B 110 -1.92 18.54 12.88
C LEU B 110 -2.58 17.32 13.49
N SER B 111 -3.41 17.57 14.51
CA SER B 111 -4.28 16.51 15.03
C SER B 111 -5.68 16.57 14.45
N ASN B 112 -5.96 17.54 13.58
CA ASN B 112 -7.25 17.70 12.95
C ASN B 112 -7.03 18.43 11.65
N TYR B 113 -7.65 17.96 10.57
CA TYR B 113 -7.57 18.64 9.29
C TYR B 113 -8.75 18.25 8.44
N GLU B 114 -9.32 19.20 7.73
CA GLU B 114 -10.33 18.92 6.73
C GLU B 114 -10.09 19.71 5.48
N VAL B 115 -10.58 19.18 4.37
CA VAL B 115 -10.45 19.82 3.07
C VAL B 115 -11.54 19.29 2.15
N LYS B 116 -11.88 20.08 1.13
CA LYS B 116 -12.89 19.68 0.15
C LYS B 116 -12.23 19.33 -1.16
N ASN B 117 -12.87 18.44 -1.94
CA ASN B 117 -12.48 18.25 -3.32
C ASN B 117 -13.25 19.20 -4.24
N ALA B 118 -12.95 19.11 -5.53
CA ALA B 118 -13.54 20.03 -6.51
C ALA B 118 -15.05 19.89 -6.60
N LYS B 119 -15.57 18.69 -6.34
CA LYS B 119 -17.01 18.45 -6.33
C LYS B 119 -17.69 19.02 -5.08
N GLY B 120 -16.90 19.40 -4.09
CA GLY B 120 -17.43 19.98 -2.87
C GLY B 120 -17.58 19.02 -1.71
N ARG B 121 -17.10 17.78 -1.85
CA ARG B 121 -17.16 16.84 -0.75
C ARG B 121 -16.09 17.17 0.27
N ASN B 122 -16.48 17.13 1.55
CA ASN B 122 -15.56 17.31 2.68
C ASN B 122 -14.93 15.99 3.10
N PHE B 123 -13.68 16.07 3.53
CA PHE B 123 -12.94 14.95 4.12
C PHE B 123 -12.26 15.48 5.37
N GLU B 124 -12.31 14.73 6.47
CA GLU B 124 -11.72 15.19 7.74
C GLU B 124 -11.00 14.05 8.43
N ILE B 125 -9.85 14.37 9.00
CA ILE B 125 -9.19 13.51 9.96
C ILE B 125 -9.18 14.23 11.29
N VAL B 126 -9.64 13.55 12.35
CA VAL B 126 -9.51 14.08 13.70
C VAL B 126 -9.00 12.99 14.61
N TYR B 127 -7.90 13.30 15.30
CA TYR B 127 -7.39 12.41 16.34
C TYR B 127 -8.20 12.62 17.62
N THR B 128 -8.91 11.57 18.01
CA THR B 128 -9.66 11.57 19.26
C THR B 128 -8.76 11.23 20.46
N GLU B 129 -7.67 10.50 20.24
CA GLU B 129 -6.60 10.37 21.22
C GLU B 129 -5.36 10.83 20.47
N ALA B 130 -4.94 12.05 20.82
CA ALA B 130 -3.93 12.79 20.08
C ALA B 130 -2.59 12.87 20.80
N GLU B 131 -2.43 12.15 21.91
CA GLU B 131 -1.19 12.19 22.68
C GLU B 131 -0.58 10.80 22.84
N GLY B 132 0.74 10.78 22.97
CA GLY B 132 1.45 9.56 23.31
C GLY B 132 1.66 8.63 22.13
N ASN B 133 1.87 7.35 22.45
CA ASN B 133 2.28 6.39 21.46
C ASN B 133 1.17 5.49 20.93
N ASP B 134 -0.03 5.63 21.48
CA ASP B 134 -1.18 4.84 21.08
C ASP B 134 -2.29 5.81 20.65
N LEU B 135 -2.24 6.19 19.37
CA LEU B 135 -3.01 7.31 18.84
C LEU B 135 -4.24 6.78 18.13
N HIS B 136 -5.35 7.52 18.17
CA HIS B 136 -6.61 7.08 17.59
C HIS B 136 -7.21 8.22 16.80
N ALA B 137 -7.61 7.94 15.57
CA ALA B 137 -8.18 8.94 14.68
C ALA B 137 -9.40 8.44 13.96
N ASN B 138 -10.32 9.37 13.71
CA ASN B 138 -11.43 9.18 12.80
C ASN B 138 -11.11 9.81 11.45
N LEU B 139 -11.45 9.09 10.38
CA LEU B 139 -11.48 9.64 9.03
C LEU B 139 -12.95 9.72 8.67
N ILE B 140 -13.43 10.95 8.46
CA ILE B 140 -14.85 11.20 8.24
C ILE B 140 -15.02 11.72 6.82
N ILE B 141 -15.80 10.97 6.03
CA ILE B 141 -16.07 11.33 4.65
C ILE B 141 -17.46 11.96 4.58
N GLY B 142 -17.52 13.14 3.96
CA GLY B 142 -18.78 13.86 3.78
C GLY B 142 -19.53 13.53 2.51
C TRS C . 15.03 -11.12 -7.53
C1 TRS C . 14.56 -11.59 -8.90
C2 TRS C . 15.32 -9.61 -7.60
C3 TRS C . 16.15 -11.94 -6.87
N TRS C . 13.82 -11.49 -6.82
O1 TRS C . 15.61 -12.07 -9.68
O2 TRS C . 14.27 -8.77 -7.16
O3 TRS C . 15.91 -12.19 -5.48
C1 MPD D . 1.52 -20.82 -17.40
C2 MPD D . 1.36 -21.98 -16.42
O2 MPD D . 1.80 -23.23 -17.01
CM MPD D . 2.12 -21.71 -15.13
C3 MPD D . -0.11 -22.24 -16.08
C4 MPD D . -1.04 -22.46 -17.27
O4 MPD D . -0.56 -23.41 -18.22
C5 MPD D . -2.42 -22.89 -16.80
C ACT E . -21.81 16.59 -2.23
O ACT E . -20.91 16.05 -1.54
OXT ACT E . -22.80 15.86 -2.49
CH3 ACT E . -21.72 18.02 -2.67
C ACT F . -3.00 18.32 21.55
O ACT F . -2.10 18.52 20.65
OXT ACT F . -3.48 17.15 21.70
CH3 ACT F . -3.59 19.44 22.35
C1 MPD G . 15.41 3.45 14.13
C2 MPD G . 14.66 4.52 14.91
O2 MPD G . 14.45 5.68 14.06
CM MPD G . 13.30 3.97 15.30
C3 MPD G . 15.47 5.00 16.13
C4 MPD G . 16.93 5.31 15.83
O4 MPD G . 17.05 6.25 14.78
C5 MPD G . 17.64 5.83 17.08
C1 MPD H . 16.01 8.58 11.89
C2 MPD H . 14.88 8.58 10.86
O2 MPD H . 14.78 7.30 10.19
CM MPD H . 13.54 8.78 11.55
C3 MPD H . 15.03 9.69 9.81
C4 MPD H . 16.40 9.80 9.15
O4 MPD H . 16.78 8.56 8.63
C5 MPD H . 16.40 10.85 8.05
#